data_6UXD
#
_entry.id   6UXD
#
_cell.length_a   103.070
_cell.length_b   124.138
_cell.length_c   112.919
_cell.angle_alpha   90.000
_cell.angle_beta   90.000
_cell.angle_gamma   90.000
#
_symmetry.space_group_name_H-M   'C 2 2 21'
#
loop_
_entity.id
_entity.type
_entity.pdbx_description
1 polymer CT021
2 water water
#
_entity_poly.entity_id   1
_entity_poly.type   'polypeptide(L)'
_entity_poly.pdbx_seq_one_letter_code
;AHSPLQSSIQEKILTARPGDYAVLSRGSQKFFFLIRQSSSEATWVEMSEFASLTQQEKKLVEQSSWKNAFHQLQSSKKVY
LLRISKNPLMIFVLKNAQWMPLSEKDPLPFFVKILRLPLSPAPSHLIKYKGKERTPWSPRTSLNGELITLPSSAWISVWP
KDSSPLSEKNILIYFSNNERLAFPLWTSIDTPTGTVIIKTIEMGHQAASSYPALPNF
;
_entity_poly.pdbx_strand_id   A,B
#
# COMPACT_ATOMS: atom_id res chain seq x y z
N PRO A 4 -13.24 24.74 -12.74
CA PRO A 4 -13.22 24.80 -14.21
C PRO A 4 -13.23 23.41 -14.83
N LEU A 5 -12.28 22.57 -14.43
CA LEU A 5 -12.37 21.13 -14.64
C LEU A 5 -13.13 20.44 -13.53
N GLN A 6 -13.87 21.22 -12.74
CA GLN A 6 -14.83 20.69 -11.78
C GLN A 6 -15.62 19.56 -12.41
N SER A 7 -15.45 18.35 -11.88
CA SER A 7 -16.21 17.20 -12.35
C SER A 7 -16.81 16.55 -11.10
N SER A 8 -17.22 15.30 -11.22
CA SER A 8 -17.78 14.55 -10.10
C SER A 8 -17.42 13.09 -10.32
N ILE A 9 -17.53 12.30 -9.25
CA ILE A 9 -17.26 10.86 -9.41
C ILE A 9 -18.25 10.22 -10.40
N GLN A 10 -19.53 10.60 -10.32
CA GLN A 10 -20.49 10.02 -11.26
C GLN A 10 -20.06 10.27 -12.71
N GLU A 11 -19.78 11.54 -13.04
CA GLU A 11 -19.35 11.92 -14.38
C GLU A 11 -18.11 11.14 -14.81
N LYS A 12 -17.14 11.00 -13.92
CA LYS A 12 -15.91 10.32 -14.29
C LYS A 12 -16.17 8.84 -14.57
N ILE A 13 -16.95 8.18 -13.71
CA ILE A 13 -17.21 6.77 -13.91
C ILE A 13 -18.09 6.52 -15.12
N LEU A 14 -18.94 7.47 -15.51
CA LEU A 14 -19.76 7.26 -16.70
C LEU A 14 -18.93 7.30 -17.98
N THR A 15 -17.66 7.73 -17.93
CA THR A 15 -16.78 7.59 -19.08
C THR A 15 -16.27 6.16 -19.27
N ALA A 16 -16.41 5.29 -18.27
CA ALA A 16 -15.97 3.91 -18.43
C ALA A 16 -16.80 3.21 -19.49
N ARG A 17 -16.32 2.06 -19.96
CA ARG A 17 -17.02 1.25 -20.96
C ARG A 17 -17.41 -0.09 -20.39
N PRO A 18 -18.47 -0.72 -20.92
CA PRO A 18 -18.80 -2.09 -20.51
C PRO A 18 -17.61 -3.01 -20.56
N GLY A 19 -17.49 -3.87 -19.54
CA GLY A 19 -16.35 -4.71 -19.36
C GLY A 19 -15.23 -4.10 -18.52
N ASP A 20 -15.24 -2.78 -18.32
CA ASP A 20 -14.25 -2.15 -17.44
C ASP A 20 -14.50 -2.55 -16.00
N TYR A 21 -13.42 -2.83 -15.26
CA TYR A 21 -13.54 -3.28 -13.89
C TYR A 21 -12.40 -2.72 -13.06
N ALA A 22 -12.55 -2.80 -11.74
CA ALA A 22 -11.48 -2.46 -10.80
C ALA A 22 -11.74 -3.12 -9.46
N VAL A 23 -10.66 -3.46 -8.75
CA VAL A 23 -10.73 -4.12 -7.45
C VAL A 23 -10.12 -3.17 -6.44
N LEU A 24 -10.92 -2.77 -5.46
CA LEU A 24 -10.50 -1.79 -4.48
C LEU A 24 -10.38 -2.46 -3.14
N SER A 25 -9.41 -1.99 -2.34
CA SER A 25 -9.07 -2.61 -1.07
C SER A 25 -9.05 -1.57 0.04
N ARG A 26 -9.68 -1.91 1.16
CA ARG A 26 -9.70 -1.07 2.37
C ARG A 26 -9.31 -2.04 3.49
N GLY A 27 -8.01 -2.16 3.72
CA GLY A 27 -7.48 -3.17 4.60
C GLY A 27 -7.91 -4.57 4.23
N SER A 28 -8.78 -5.14 5.04
CA SER A 28 -9.22 -6.51 4.86
C SER A 28 -10.30 -6.65 3.79
N GLN A 29 -11.07 -5.59 3.53
CA GLN A 29 -12.20 -5.66 2.61
C GLN A 29 -11.76 -5.48 1.16
N LYS A 30 -12.42 -6.22 0.26
CA LYS A 30 -12.15 -6.15 -1.17
C LYS A 30 -13.46 -5.98 -1.91
N PHE A 31 -13.51 -5.01 -2.83
CA PHE A 31 -14.71 -4.71 -3.60
C PHE A 31 -14.42 -4.79 -5.09
N PHE A 32 -15.19 -5.58 -5.82
CA PHE A 32 -15.03 -5.76 -7.26
C PHE A 32 -16.10 -4.97 -7.98
N PHE A 33 -15.70 -3.94 -8.72
CA PHE A 33 -16.60 -3.08 -9.49
C PHE A 33 -16.54 -3.45 -10.96
N LEU A 34 -17.71 -3.58 -11.59
CA LEU A 34 -17.81 -3.98 -12.98
C LEU A 34 -18.85 -3.13 -13.70
N ILE A 35 -18.47 -2.55 -14.83
CA ILE A 35 -19.40 -1.81 -15.68
C ILE A 35 -20.06 -2.82 -16.61
N ARG A 36 -21.38 -2.94 -16.53
CA ARG A 36 -22.04 -4.02 -17.28
C ARG A 36 -22.72 -3.55 -18.56
N GLN A 37 -23.24 -2.34 -18.57
CA GLN A 37 -24.01 -1.88 -19.71
C GLN A 37 -24.06 -0.37 -19.63
N SER A 38 -23.92 0.29 -20.77
CA SER A 38 -23.94 1.75 -20.82
C SER A 38 -24.78 2.17 -22.02
N SER A 39 -25.77 3.02 -21.77
CA SER A 39 -26.54 3.63 -22.83
C SER A 39 -26.64 5.12 -22.51
N SER A 40 -27.13 5.89 -23.48
CA SER A 40 -27.39 7.30 -23.22
C SER A 40 -28.31 7.47 -22.01
N GLU A 41 -29.08 6.44 -21.67
CA GLU A 41 -30.10 6.55 -20.64
C GLU A 41 -29.69 5.96 -19.30
N ALA A 42 -28.82 4.94 -19.28
CA ALA A 42 -28.45 4.34 -18.01
C ALA A 42 -27.10 3.65 -18.12
N THR A 43 -26.37 3.64 -17.02
CA THR A 43 -25.18 2.81 -16.88
C THR A 43 -25.36 1.90 -15.67
N TRP A 44 -25.17 0.61 -15.88
CA TRP A 44 -25.27 -0.38 -14.82
C TRP A 44 -23.89 -0.76 -14.29
N VAL A 45 -23.72 -0.66 -12.97
CA VAL A 45 -22.47 -0.99 -12.30
C VAL A 45 -22.74 -2.01 -11.21
N GLU A 46 -22.07 -3.15 -11.29
CA GLU A 46 -22.14 -4.21 -10.31
C GLU A 46 -20.99 -4.10 -9.32
N MET A 47 -21.28 -4.34 -8.03
CA MET A 47 -20.29 -4.21 -6.97
C MET A 47 -20.42 -5.39 -6.02
N SER A 48 -19.37 -6.20 -5.93
CA SER A 48 -19.33 -7.36 -5.05
C SER A 48 -18.36 -7.09 -3.90
N GLU A 49 -18.77 -7.40 -2.68
CA GLU A 49 -17.90 -7.27 -1.52
C GLU A 49 -17.39 -8.63 -1.08
N PHE A 50 -16.13 -8.68 -0.70
CA PHE A 50 -15.58 -9.77 0.09
C PHE A 50 -14.87 -9.14 1.29
N ALA A 51 -14.85 -9.87 2.41
CA ALA A 51 -14.12 -9.42 3.59
C ALA A 51 -12.89 -10.27 3.87
N SER A 52 -12.72 -11.39 3.16
CA SER A 52 -11.57 -12.27 3.33
C SER A 52 -11.64 -13.33 2.23
N LEU A 53 -10.46 -13.82 1.82
CA LEU A 53 -10.37 -14.86 0.81
C LEU A 53 -9.61 -16.06 1.34
N THR A 54 -9.96 -17.23 0.82
CA THR A 54 -9.33 -18.47 1.27
C THR A 54 -7.85 -18.45 0.94
N GLN A 55 -7.02 -18.74 1.94
CA GLN A 55 -5.59 -18.88 1.67
C GLN A 55 -5.35 -19.83 0.49
N GLN A 56 -6.27 -20.76 0.25
CA GLN A 56 -6.23 -21.58 -0.94
C GLN A 56 -6.73 -20.84 -2.18
N GLU A 57 -7.57 -19.82 -2.00
CA GLU A 57 -8.10 -19.05 -3.13
C GLU A 57 -7.17 -17.91 -3.51
N LYS A 58 -6.37 -17.41 -2.57
CA LYS A 58 -5.33 -16.44 -2.89
C LYS A 58 -4.36 -17.01 -3.94
N LYS A 59 -4.29 -18.34 -4.07
CA LYS A 59 -3.38 -18.95 -5.05
C LYS A 59 -3.92 -18.81 -6.46
N LEU A 60 -5.25 -18.87 -6.64
CA LEU A 60 -5.77 -18.71 -7.98
C LEU A 60 -5.51 -17.30 -8.49
N VAL A 61 -5.50 -16.32 -7.60
CA VAL A 61 -5.42 -14.94 -8.03
C VAL A 61 -4.00 -14.57 -8.44
N GLU A 62 -3.01 -14.95 -7.60
CA GLU A 62 -1.62 -14.72 -7.99
C GLU A 62 -1.27 -15.49 -9.25
N GLN A 63 -1.87 -16.67 -9.46
CA GLN A 63 -1.59 -17.46 -10.65
C GLN A 63 -2.25 -16.89 -11.90
N SER A 64 -3.28 -16.03 -11.76
CA SER A 64 -3.81 -15.36 -12.94
C SER A 64 -4.15 -13.89 -12.63
N SER A 65 -5.37 -13.63 -12.19
CA SER A 65 -5.79 -12.27 -11.87
C SER A 65 -7.13 -12.34 -11.16
N TRP A 66 -7.49 -11.24 -10.51
CA TRP A 66 -8.83 -11.10 -9.95
C TRP A 66 -9.88 -11.37 -11.01
N LYS A 67 -9.76 -10.72 -12.17
CA LYS A 67 -10.75 -10.90 -13.22
C LYS A 67 -10.90 -12.37 -13.56
N ASN A 68 -9.79 -13.06 -13.83
CA ASN A 68 -9.85 -14.43 -14.34
C ASN A 68 -10.11 -15.47 -13.24
N ALA A 69 -9.76 -15.19 -12.00
CA ALA A 69 -10.08 -16.13 -10.94
C ALA A 69 -11.44 -15.87 -10.28
N PHE A 70 -12.14 -14.81 -10.69
CA PHE A 70 -13.31 -14.36 -9.94
C PHE A 70 -14.37 -15.46 -9.85
N HIS A 71 -14.62 -16.16 -10.94
CA HIS A 71 -15.64 -17.20 -10.96
C HIS A 71 -15.28 -18.40 -10.10
N GLN A 72 -14.30 -18.29 -9.21
CA GLN A 72 -13.88 -19.41 -8.38
C GLN A 72 -13.72 -19.02 -6.91
N LEU A 73 -14.39 -17.95 -6.47
CA LEU A 73 -14.24 -17.43 -5.12
C LEU A 73 -15.48 -17.77 -4.31
N GLN A 74 -15.28 -18.45 -3.19
CA GLN A 74 -16.33 -18.72 -2.22
C GLN A 74 -16.87 -17.43 -1.62
N LYS A 77 -20.47 -13.10 0.54
CA LYS A 77 -20.32 -11.78 -0.06
C LYS A 77 -21.68 -11.12 -0.37
N LYS A 78 -21.73 -9.79 -0.29
CA LYS A 78 -22.89 -9.02 -0.75
C LYS A 78 -22.64 -8.56 -2.18
N VAL A 79 -23.72 -8.46 -2.96
CA VAL A 79 -23.61 -8.09 -4.37
C VAL A 79 -24.66 -7.05 -4.69
N TYR A 80 -24.22 -5.86 -5.08
CA TYR A 80 -25.12 -4.77 -5.43
C TYR A 80 -25.07 -4.48 -6.92
N LEU A 81 -26.19 -4.02 -7.44
CA LEU A 81 -26.30 -3.60 -8.83
C LEU A 81 -26.84 -2.19 -8.81
N LEU A 82 -26.12 -1.28 -9.45
CA LEU A 82 -26.49 0.14 -9.47
C LEU A 82 -26.93 0.49 -10.87
N ARG A 83 -28.08 1.14 -10.97
CA ARG A 83 -28.53 1.74 -12.22
C ARG A 83 -28.38 3.24 -12.08
N ILE A 84 -27.50 3.83 -12.89
CA ILE A 84 -27.13 5.24 -12.81
C ILE A 84 -27.71 5.94 -14.03
N SER A 85 -28.50 6.99 -13.81
CA SER A 85 -29.14 7.70 -14.90
C SER A 85 -29.31 9.17 -14.53
N LYS A 86 -29.97 9.91 -15.42
CA LYS A 86 -30.43 11.25 -15.08
C LYS A 86 -31.34 11.22 -13.86
N ASN A 87 -31.99 10.10 -13.61
CA ASN A 87 -32.93 9.97 -12.53
C ASN A 87 -32.24 9.52 -11.25
N PRO A 88 -32.95 9.45 -10.14
CA PRO A 88 -32.29 9.06 -8.90
C PRO A 88 -31.74 7.66 -8.97
N LEU A 89 -30.66 7.45 -8.24
CA LEU A 89 -29.99 6.16 -8.25
C LEU A 89 -30.93 5.05 -7.81
N MET A 90 -30.88 3.93 -8.50
CA MET A 90 -31.62 2.74 -8.11
C MET A 90 -30.63 1.62 -7.85
N ILE A 91 -30.79 0.96 -6.71
CA ILE A 91 -29.89 -0.09 -6.27
C ILE A 91 -30.68 -1.38 -6.14
N PHE A 92 -30.04 -2.48 -6.50
CA PHE A 92 -30.58 -3.82 -6.31
C PHE A 92 -29.57 -4.64 -5.54
N VAL A 93 -30.06 -5.61 -4.79
CA VAL A 93 -29.20 -6.58 -4.12
C VAL A 93 -29.58 -7.96 -4.65
N LEU A 94 -28.59 -8.84 -4.73
CA LEU A 94 -28.83 -10.17 -5.26
C LEU A 94 -29.37 -11.04 -4.14
N LYS A 95 -30.57 -11.56 -4.33
CA LYS A 95 -31.18 -12.46 -3.35
C LYS A 95 -31.83 -13.59 -4.12
N ASN A 96 -31.40 -14.82 -3.84
CA ASN A 96 -31.95 -16.02 -4.49
C ASN A 96 -32.01 -15.84 -6.01
N ALA A 97 -30.87 -15.48 -6.59
CA ALA A 97 -30.66 -15.38 -8.03
C ALA A 97 -31.49 -14.30 -8.73
N GLN A 98 -32.09 -13.39 -7.98
CA GLN A 98 -32.83 -12.30 -8.60
C GLN A 98 -32.36 -10.96 -8.04
N TRP A 99 -32.32 -9.95 -8.92
CA TRP A 99 -31.97 -8.60 -8.53
C TRP A 99 -33.16 -7.98 -7.82
N MET A 100 -33.04 -7.81 -6.51
CA MET A 100 -34.14 -7.32 -5.68
C MET A 100 -33.94 -5.84 -5.35
N PRO A 101 -34.92 -4.99 -5.66
CA PRO A 101 -34.79 -3.56 -5.34
C PRO A 101 -34.54 -3.33 -3.86
N LEU A 102 -33.87 -2.22 -3.57
CA LEU A 102 -33.69 -1.76 -2.20
C LEU A 102 -34.64 -0.62 -1.89
N SER A 103 -35.38 -0.76 -0.81
CA SER A 103 -35.92 0.38 -0.08
C SER A 103 -35.53 0.35 1.39
N GLU A 104 -34.81 -0.66 1.90
CA GLU A 104 -34.29 -0.74 3.30
C GLU A 104 -33.06 0.14 3.36
N LYS A 105 -33.06 1.33 2.78
CA LYS A 105 -31.91 2.20 2.50
C LYS A 105 -30.75 1.96 3.45
N ASP A 106 -30.04 0.83 3.28
CA ASP A 106 -28.89 0.52 4.12
C ASP A 106 -27.64 1.13 3.47
N PRO A 107 -27.23 0.70 2.28
CA PRO A 107 -26.14 1.38 1.58
C PRO A 107 -26.57 2.47 0.61
N LEU A 108 -27.87 2.69 0.43
CA LEU A 108 -28.33 3.59 -0.64
C LEU A 108 -27.79 5.01 -0.51
N PRO A 109 -27.93 5.69 0.64
CA PRO A 109 -27.46 7.09 0.69
C PRO A 109 -25.94 7.22 0.61
N PHE A 110 -25.19 6.26 1.15
CA PHE A 110 -23.73 6.27 1.03
C PHE A 110 -23.30 6.30 -0.44
N PHE A 111 -23.88 5.43 -1.27
CA PHE A 111 -23.55 5.42 -2.69
C PHE A 111 -23.87 6.76 -3.35
N VAL A 112 -25.04 7.33 -3.07
CA VAL A 112 -25.40 8.59 -3.72
C VAL A 112 -24.39 9.68 -3.32
N LYS A 113 -23.96 9.68 -2.06
CA LYS A 113 -22.95 10.65 -1.63
C LYS A 113 -21.67 10.50 -2.45
N ILE A 114 -21.15 9.28 -2.54
CA ILE A 114 -19.92 9.05 -3.30
C ILE A 114 -20.07 9.57 -4.72
N LEU A 115 -21.18 9.21 -5.38
CA LEU A 115 -21.37 9.66 -6.76
C LEU A 115 -21.41 11.17 -6.87
N ARG A 116 -21.93 11.85 -5.86
CA ARG A 116 -22.01 13.30 -5.94
C ARG A 116 -20.71 14.01 -5.58
N LEU A 117 -19.74 13.30 -5.02
CA LEU A 117 -18.51 13.97 -4.59
C LEU A 117 -17.93 14.80 -5.74
N PRO A 118 -17.59 16.07 -5.50
CA PRO A 118 -16.95 16.87 -6.55
C PRO A 118 -15.48 16.52 -6.73
N LEU A 119 -14.95 16.89 -7.89
CA LEU A 119 -13.55 16.68 -8.20
C LEU A 119 -13.03 17.94 -8.85
N SER A 120 -11.95 18.48 -8.30
CA SER A 120 -11.18 19.54 -8.92
C SER A 120 -9.70 19.19 -8.86
N PRO A 121 -8.92 19.62 -9.85
CA PRO A 121 -7.50 19.25 -9.88
C PRO A 121 -6.75 19.81 -8.69
N ALA A 122 -5.76 19.05 -8.22
CA ALA A 122 -5.01 19.42 -7.04
C ALA A 122 -3.61 18.83 -7.12
N PRO A 123 -2.65 19.38 -6.39
CA PRO A 123 -1.31 18.79 -6.35
C PRO A 123 -1.30 17.43 -5.66
N SER A 124 -0.33 16.59 -6.05
CA SER A 124 -0.13 15.31 -5.39
C SER A 124 0.40 15.46 -3.96
N HIS A 125 -0.15 14.68 -3.05
CA HIS A 125 0.41 14.58 -1.72
C HIS A 125 0.81 13.13 -1.39
N LEU A 126 1.14 12.32 -2.41
CA LEU A 126 1.51 10.94 -2.15
C LEU A 126 2.72 10.83 -1.22
N ILE A 127 3.63 11.81 -1.27
CA ILE A 127 4.80 11.89 -0.41
C ILE A 127 4.84 13.25 0.26
N LYS A 128 5.08 13.24 1.57
CA LYS A 128 5.33 14.45 2.36
C LYS A 128 6.83 14.65 2.56
N TYR A 129 7.35 15.76 2.02
CA TYR A 129 8.75 16.13 2.14
C TYR A 129 8.90 17.18 3.23
N LYS A 130 9.76 16.91 4.21
CA LYS A 130 10.08 17.87 5.29
C LYS A 130 11.59 17.98 5.43
N THR A 141 -7.90 -7.46 -20.71
CA THR A 141 -6.73 -6.74 -20.24
C THR A 141 -6.79 -6.49 -18.73
N SER A 142 -5.64 -6.66 -18.02
CA SER A 142 -5.59 -6.46 -16.59
C SER A 142 -4.27 -5.80 -16.18
N LEU A 143 -4.34 -4.96 -15.14
CA LEU A 143 -3.18 -4.37 -14.49
C LEU A 143 -3.32 -4.63 -13.01
N ASN A 144 -2.40 -5.39 -12.43
CA ASN A 144 -2.51 -5.79 -11.04
C ASN A 144 -1.21 -5.45 -10.31
N GLY A 145 -1.33 -4.76 -9.17
CA GLY A 145 -0.16 -4.47 -8.38
C GLY A 145 -0.19 -3.10 -7.73
N GLU A 146 0.95 -2.40 -7.76
CA GLU A 146 1.07 -1.08 -7.13
C GLU A 146 0.67 -0.02 -8.15
N LEU A 147 -0.65 0.08 -8.37
CA LEU A 147 -1.15 0.91 -9.45
C LEU A 147 -0.90 2.41 -9.24
N ILE A 148 -0.63 2.87 -8.00
CA ILE A 148 -0.33 4.29 -7.81
C ILE A 148 1.00 4.68 -8.42
N THR A 149 1.82 3.72 -8.88
CA THR A 149 3.02 4.06 -9.66
C THR A 149 2.69 4.38 -11.11
N LEU A 150 1.46 4.16 -11.56
CA LEU A 150 1.11 4.63 -12.89
C LEU A 150 1.07 6.17 -12.96
N PRO A 151 1.35 6.74 -14.13
CA PRO A 151 1.21 8.19 -14.31
C PRO A 151 -0.19 8.66 -13.92
N SER A 152 -0.25 9.66 -13.04
CA SER A 152 -1.50 10.02 -12.41
C SER A 152 -1.58 11.53 -12.21
N SER A 153 -2.79 11.97 -11.90
CA SER A 153 -3.04 13.32 -11.43
C SER A 153 -4.03 13.25 -10.27
N ALA A 154 -3.93 14.23 -9.37
CA ALA A 154 -4.69 14.20 -8.14
C ALA A 154 -5.89 15.13 -8.26
N TRP A 155 -6.94 14.80 -7.52
CA TRP A 155 -8.20 15.52 -7.57
C TRP A 155 -8.69 15.66 -6.14
N ILE A 156 -9.01 16.88 -5.74
CA ILE A 156 -9.47 17.12 -4.38
C ILE A 156 -10.99 17.06 -4.34
N SER A 157 -11.52 16.46 -3.27
CA SER A 157 -12.93 16.42 -2.98
C SER A 157 -13.15 16.66 -1.49
N VAL A 158 -14.42 16.70 -1.11
CA VAL A 158 -14.78 16.83 0.29
C VAL A 158 -16.09 16.09 0.52
N TRP A 159 -16.16 15.38 1.62
CA TRP A 159 -17.36 14.66 1.99
C TRP A 159 -18.44 15.66 2.44
N PRO A 160 -19.71 15.37 2.16
CA PRO A 160 -20.76 16.30 2.60
C PRO A 160 -20.83 16.41 4.12
N LYS A 161 -21.44 17.51 4.58
CA LYS A 161 -21.76 17.65 5.99
C LYS A 161 -22.89 16.68 6.33
N ASP A 162 -22.65 15.81 7.29
CA ASP A 162 -23.61 14.76 7.61
C ASP A 162 -23.33 14.24 9.01
N SER A 163 -23.92 13.10 9.35
CA SER A 163 -23.93 12.55 10.70
C SER A 163 -22.88 11.47 10.91
N SER A 164 -21.78 11.53 10.16
CA SER A 164 -20.79 10.47 10.17
C SER A 164 -19.43 11.05 10.53
N PRO A 165 -18.44 10.21 10.86
CA PRO A 165 -17.07 10.74 11.04
C PRO A 165 -16.50 11.40 9.79
N LEU A 166 -17.00 11.04 8.61
CA LEU A 166 -16.49 11.61 7.36
C LEU A 166 -16.99 13.02 7.12
N SER A 167 -17.86 13.54 7.99
CA SER A 167 -18.54 14.79 7.70
C SER A 167 -17.54 15.90 7.42
N GLU A 168 -17.63 16.47 6.23
CA GLU A 168 -16.83 17.62 5.81
C GLU A 168 -15.34 17.31 5.73
N LYS A 169 -14.95 16.04 5.72
CA LYS A 169 -13.55 15.65 5.66
C LYS A 169 -13.00 15.73 4.23
N ASN A 170 -11.72 16.10 4.13
CA ASN A 170 -11.08 16.28 2.83
C ASN A 170 -10.71 14.92 2.21
N ILE A 171 -10.82 14.84 0.89
CA ILE A 171 -10.57 13.63 0.13
C ILE A 171 -9.60 13.96 -1.00
N LEU A 172 -8.67 13.05 -1.26
CA LEU A 172 -7.76 13.20 -2.38
C LEU A 172 -7.82 11.91 -3.19
N ILE A 173 -8.15 12.05 -4.48
CA ILE A 173 -8.40 10.91 -5.35
C ILE A 173 -7.44 11.02 -6.54
N TYR A 174 -6.82 9.90 -6.90
CA TYR A 174 -5.85 9.88 -7.99
C TYR A 174 -6.43 9.07 -9.15
N PHE A 175 -6.32 9.61 -10.35
CA PHE A 175 -6.75 8.94 -11.56
C PHE A 175 -5.59 8.90 -12.55
N SER A 176 -5.57 7.83 -13.32
CA SER A 176 -4.60 7.68 -14.40
C SER A 176 -4.72 8.83 -15.37
N ASN A 177 -3.58 9.26 -15.90
CA ASN A 177 -3.62 10.27 -16.94
C ASN A 177 -4.25 9.75 -18.22
N ASN A 178 -4.42 8.44 -18.32
CA ASN A 178 -5.04 7.81 -19.47
C ASN A 178 -6.53 7.70 -19.17
N GLU A 179 -7.34 8.54 -19.83
CA GLU A 179 -8.78 8.58 -19.57
C GLU A 179 -9.47 7.25 -19.85
N ARG A 180 -8.82 6.34 -20.57
CA ARG A 180 -9.39 5.04 -20.78
C ARG A 180 -9.47 4.25 -19.48
N LEU A 181 -8.72 4.64 -18.47
CA LEU A 181 -8.75 3.98 -17.16
C LEU A 181 -9.56 4.88 -16.23
N ALA A 182 -10.85 4.58 -16.08
CA ALA A 182 -11.78 5.54 -15.47
C ALA A 182 -11.91 5.37 -13.97
N PHE A 183 -11.55 4.22 -13.41
CA PHE A 183 -11.62 4.03 -11.97
C PHE A 183 -10.42 4.66 -11.26
N PRO A 184 -10.60 5.03 -9.99
CA PRO A 184 -9.49 5.65 -9.26
C PRO A 184 -8.35 4.67 -9.03
N LEU A 185 -7.14 5.21 -8.95
CA LEU A 185 -5.95 4.44 -8.58
C LEU A 185 -5.75 4.36 -7.07
N TRP A 186 -6.25 5.35 -6.34
CA TRP A 186 -5.86 5.55 -4.96
C TRP A 186 -6.77 6.63 -4.36
N THR A 187 -7.32 6.38 -3.18
CA THR A 187 -8.18 7.34 -2.51
C THR A 187 -7.75 7.49 -1.06
N SER A 188 -7.54 8.72 -0.63
CA SER A 188 -7.11 9.03 0.73
C SER A 188 -8.11 9.99 1.34
N ILE A 189 -8.63 9.65 2.52
CA ILE A 189 -9.63 10.48 3.18
C ILE A 189 -9.24 10.74 4.64
N ASP A 190 -9.21 12.02 5.02
CA ASP A 190 -9.12 12.41 6.43
C ASP A 190 -10.28 11.80 7.22
N THR A 191 -9.97 11.29 8.41
CA THR A 191 -11.02 10.98 9.38
C THR A 191 -10.51 11.33 10.78
N PRO A 192 -11.38 11.22 11.80
CA PRO A 192 -10.90 11.46 13.17
C PRO A 192 -9.93 10.39 13.67
N THR A 193 -10.08 9.13 13.25
CA THR A 193 -9.12 8.10 13.62
C THR A 193 -7.78 8.26 12.92
N GLY A 194 -7.67 9.18 11.97
CA GLY A 194 -6.52 9.29 11.10
C GLY A 194 -6.90 9.00 9.66
N THR A 195 -5.91 9.13 8.78
CA THR A 195 -6.14 9.02 7.35
C THR A 195 -6.45 7.57 6.94
N VAL A 196 -7.29 7.44 5.92
CA VAL A 196 -7.75 6.16 5.43
C VAL A 196 -7.47 6.07 3.94
N ILE A 197 -6.94 4.92 3.52
CA ILE A 197 -6.54 4.67 2.14
C ILE A 197 -7.42 3.56 1.61
N ILE A 198 -8.06 3.82 0.48
CA ILE A 198 -8.66 2.78 -0.34
C ILE A 198 -7.78 2.64 -1.56
N LYS A 199 -7.20 1.45 -1.70
CA LYS A 199 -6.19 1.14 -2.71
C LYS A 199 -6.83 0.35 -3.83
N THR A 200 -6.51 0.71 -5.07
CA THR A 200 -6.95 -0.07 -6.22
C THR A 200 -5.84 -1.06 -6.58
N ILE A 201 -6.13 -2.34 -6.44
CA ILE A 201 -5.09 -3.36 -6.61
C ILE A 201 -5.14 -4.00 -7.98
N GLU A 202 -6.25 -3.88 -8.71
CA GLU A 202 -6.32 -4.38 -10.07
C GLU A 202 -7.37 -3.58 -10.82
N MET A 203 -7.11 -3.27 -12.08
CA MET A 203 -8.13 -2.73 -12.95
C MET A 203 -7.86 -3.21 -14.37
N GLY A 204 -8.90 -3.19 -15.19
CA GLY A 204 -8.75 -3.59 -16.57
C GLY A 204 -10.01 -3.48 -17.42
N HIS A 205 -10.07 -4.33 -18.44
CA HIS A 205 -11.07 -4.25 -19.49
C HIS A 205 -11.52 -5.65 -19.85
N GLN A 206 -12.67 -5.71 -20.54
CA GLN A 206 -13.20 -6.94 -21.14
C GLN A 206 -13.54 -7.98 -20.08
N ALA A 207 -13.96 -7.54 -18.90
CA ALA A 207 -14.47 -8.47 -17.92
C ALA A 207 -15.94 -8.76 -18.18
N ALA A 208 -16.35 -9.99 -17.87
CA ALA A 208 -17.73 -10.43 -18.04
C ALA A 208 -18.32 -10.78 -16.68
N SER A 209 -19.57 -10.41 -16.48
CA SER A 209 -20.19 -10.66 -15.18
C SER A 209 -20.39 -12.16 -14.98
N SER A 210 -20.23 -12.58 -13.74
CA SER A 210 -20.58 -13.94 -13.32
C SER A 210 -21.98 -14.05 -12.74
N TYR A 211 -22.73 -12.95 -12.68
CA TYR A 211 -24.02 -12.90 -12.00
C TYR A 211 -25.17 -12.90 -12.99
N PRO A 212 -26.42 -12.99 -12.51
CA PRO A 212 -27.56 -13.02 -13.44
C PRO A 212 -27.64 -11.77 -14.29
N ALA A 213 -28.33 -11.92 -15.41
CA ALA A 213 -28.54 -10.83 -16.36
C ALA A 213 -29.26 -9.66 -15.69
N LEU A 214 -29.17 -8.53 -16.36
CA LEU A 214 -29.72 -7.28 -15.85
C LEU A 214 -31.24 -7.36 -15.75
N PRO A 215 -31.84 -6.61 -14.82
CA PRO A 215 -33.31 -6.47 -14.80
C PRO A 215 -33.85 -6.09 -16.16
N ASN A 216 -34.99 -6.68 -16.49
CA ASN A 216 -35.71 -6.41 -17.71
C ASN A 216 -36.88 -5.50 -17.39
N PHE A 217 -36.85 -4.29 -17.93
CA PHE A 217 -37.90 -3.33 -17.69
C PHE A 217 -38.67 -3.10 -19.01
N LEU B 5 26.84 -6.94 -12.74
CA LEU B 5 26.80 -5.93 -11.68
C LEU B 5 26.21 -6.53 -10.42
N GLN B 6 26.83 -6.24 -9.27
CA GLN B 6 26.49 -6.90 -8.02
C GLN B 6 26.28 -5.88 -6.91
N SER B 7 25.42 -6.21 -5.95
CA SER B 7 25.20 -5.37 -4.78
C SER B 7 24.69 -6.26 -3.64
N SER B 8 24.48 -5.63 -2.47
CA SER B 8 23.88 -6.30 -1.33
C SER B 8 23.31 -5.26 -0.38
N ILE B 9 22.41 -5.69 0.49
CA ILE B 9 21.91 -4.76 1.48
C ILE B 9 23.04 -4.28 2.35
N GLN B 10 24.02 -5.15 2.65
CA GLN B 10 25.18 -4.74 3.46
C GLN B 10 26.01 -3.69 2.74
N GLU B 11 26.35 -3.95 1.48
CA GLU B 11 27.09 -2.95 0.71
C GLU B 11 26.36 -1.61 0.68
N LYS B 12 25.03 -1.62 0.44
CA LYS B 12 24.27 -0.38 0.38
C LYS B 12 24.25 0.32 1.73
N ILE B 13 23.94 -0.43 2.79
CA ILE B 13 23.87 0.20 4.10
C ILE B 13 25.23 0.78 4.49
N LEU B 14 26.33 0.16 4.07
CA LEU B 14 27.63 0.73 4.42
C LEU B 14 27.91 2.04 3.67
N THR B 15 27.06 2.44 2.74
CA THR B 15 27.19 3.76 2.14
C THR B 15 26.37 4.83 2.86
N ALA B 16 25.50 4.45 3.78
CA ALA B 16 24.69 5.40 4.51
C ALA B 16 25.55 6.24 5.46
N ARG B 17 25.06 7.43 5.77
CA ARG B 17 25.78 8.35 6.62
C ARG B 17 25.12 8.43 7.98
N PRO B 18 25.86 8.79 9.03
CA PRO B 18 25.22 8.88 10.35
C PRO B 18 24.05 9.86 10.26
N GLY B 19 22.98 9.52 10.97
CA GLY B 19 21.74 10.27 10.87
C GLY B 19 20.76 9.73 9.86
N ASP B 20 21.22 8.96 8.88
CA ASP B 20 20.32 8.32 7.92
C ASP B 20 19.40 7.32 8.60
N TYR B 21 18.14 7.31 8.17
CA TYR B 21 17.15 6.43 8.79
C TYR B 21 16.14 6.00 7.74
N ALA B 22 15.41 4.95 8.10
CA ALA B 22 14.31 4.45 7.29
C ALA B 22 13.39 3.66 8.21
N VAL B 23 12.11 3.65 7.85
CA VAL B 23 11.08 3.00 8.64
C VAL B 23 10.41 1.97 7.75
N LEU B 24 10.53 0.70 8.12
CA LEU B 24 9.93 -0.37 7.35
C LEU B 24 8.69 -0.89 8.05
N SER B 25 7.76 -1.38 7.25
CA SER B 25 6.48 -1.88 7.71
C SER B 25 6.21 -3.26 7.15
N ARG B 26 5.88 -4.21 8.03
CA ARG B 26 5.43 -5.54 7.65
C ARG B 26 4.13 -5.70 8.41
N GLY B 27 3.04 -5.25 7.79
CA GLY B 27 1.73 -5.34 8.39
C GLY B 27 1.58 -4.40 9.56
N SER B 28 1.39 -4.96 10.76
CA SER B 28 1.31 -4.12 11.94
C SER B 28 2.69 -3.75 12.45
N GLN B 29 3.68 -4.60 12.19
CA GLN B 29 5.03 -4.34 12.64
C GLN B 29 5.60 -3.09 11.99
N LYS B 30 6.46 -2.39 12.73
CA LYS B 30 7.19 -1.24 12.23
C LYS B 30 8.62 -1.35 12.72
N PHE B 31 9.58 -1.06 11.85
CA PHE B 31 11.00 -1.09 12.19
C PHE B 31 11.62 0.25 11.86
N PHE B 32 12.23 0.89 12.87
CA PHE B 32 12.94 2.16 12.72
C PHE B 32 14.43 1.84 12.73
N PHE B 33 15.08 2.06 11.60
CA PHE B 33 16.51 1.90 11.43
C PHE B 33 17.21 3.25 11.47
N LEU B 34 18.34 3.33 12.17
CA LEU B 34 19.09 4.56 12.23
C LEU B 34 20.58 4.24 12.19
N ILE B 35 21.30 4.93 11.31
CA ILE B 35 22.76 4.85 11.29
C ILE B 35 23.25 5.70 12.46
N ARG B 36 23.66 5.05 13.58
CA ARG B 36 24.08 5.79 14.77
C ARG B 36 25.45 6.40 14.58
N GLN B 37 26.39 5.62 14.04
CA GLN B 37 27.76 6.06 13.86
C GLN B 37 28.37 5.24 12.73
N SER B 38 29.38 5.81 12.10
CA SER B 38 30.04 5.19 10.97
C SER B 38 31.55 5.29 11.14
N SER B 39 32.26 4.37 10.48
CA SER B 39 33.69 4.47 10.24
C SER B 39 33.98 3.83 8.89
N SER B 40 35.22 3.92 8.43
CA SER B 40 35.59 3.19 7.22
C SER B 40 35.49 1.69 7.45
N GLU B 41 35.91 1.24 8.64
CA GLU B 41 35.84 -0.17 8.96
C GLU B 41 34.41 -0.67 8.99
N ALA B 42 33.50 0.09 9.61
CA ALA B 42 32.21 -0.48 9.99
C ALA B 42 31.13 0.59 10.05
N THR B 43 29.89 0.13 10.13
CA THR B 43 28.76 1.00 10.37
C THR B 43 27.91 0.41 11.48
N TRP B 44 27.43 1.28 12.36
CA TRP B 44 26.60 0.92 13.49
C TRP B 44 25.14 1.30 13.23
N VAL B 45 24.24 0.34 13.37
CA VAL B 45 22.83 0.54 13.03
C VAL B 45 21.96 0.17 14.23
N GLU B 46 21.13 1.12 14.64
CA GLU B 46 20.09 0.86 15.63
C GLU B 46 18.82 0.45 14.93
N MET B 47 18.11 -0.49 15.51
CA MET B 47 16.87 -0.99 14.93
C MET B 47 15.87 -1.18 16.05
N SER B 48 14.74 -0.48 15.98
CA SER B 48 13.71 -0.52 17.00
C SER B 48 12.45 -1.11 16.41
N GLU B 49 11.99 -2.20 16.99
CA GLU B 49 10.92 -3.00 16.41
C GLU B 49 9.70 -2.88 17.27
N PHE B 50 8.61 -2.38 16.68
CA PHE B 50 7.31 -2.30 17.33
C PHE B 50 6.41 -3.34 16.70
N ALA B 51 5.64 -4.03 17.53
CA ALA B 51 4.62 -4.91 17.00
C ALA B 51 3.36 -4.16 16.62
N SER B 52 3.16 -2.98 17.20
CA SER B 52 1.90 -2.27 17.05
C SER B 52 2.06 -0.85 17.59
N LEU B 53 1.42 0.09 16.92
CA LEU B 53 1.26 1.44 17.45
C LEU B 53 -0.20 1.68 17.79
N THR B 54 -0.42 2.59 18.72
CA THR B 54 -1.77 3.09 18.97
C THR B 54 -2.29 3.82 17.73
N GLN B 55 -3.62 3.90 17.60
CA GLN B 55 -4.20 4.84 16.65
C GLN B 55 -3.76 6.26 16.98
N GLN B 56 -3.65 6.58 18.28
CA GLN B 56 -3.15 7.87 18.69
C GLN B 56 -1.70 8.08 18.24
N GLU B 57 -0.84 7.07 18.46
CA GLU B 57 0.54 7.17 18.01
C GLU B 57 0.60 7.39 16.50
N LYS B 58 -0.27 6.69 15.76
CA LYS B 58 -0.34 6.90 14.32
C LYS B 58 -0.66 8.34 13.97
N LYS B 59 -1.52 8.99 14.77
CA LYS B 59 -1.88 10.37 14.51
C LYS B 59 -0.69 11.29 14.70
N LEU B 60 0.07 11.09 15.78
CA LEU B 60 1.21 11.95 16.04
C LEU B 60 2.20 11.89 14.88
N VAL B 61 2.51 10.68 14.41
CA VAL B 61 3.39 10.55 13.27
C VAL B 61 2.79 11.26 12.06
N GLU B 62 1.49 11.05 11.83
CA GLU B 62 0.80 11.74 10.76
C GLU B 62 1.02 13.24 10.86
N GLN B 63 0.83 13.80 12.05
CA GLN B 63 0.96 15.23 12.24
C GLN B 63 2.38 15.73 11.99
N SER B 64 3.40 14.88 12.10
CA SER B 64 4.75 15.35 11.83
C SER B 64 5.51 14.38 10.94
N SER B 65 6.28 13.48 11.54
CA SER B 65 7.09 12.51 10.80
C SER B 65 7.62 11.50 11.79
N TRP B 66 8.02 10.33 11.29
CA TRP B 66 8.70 9.35 12.15
C TRP B 66 9.95 9.95 12.76
N LYS B 67 10.72 10.68 11.96
CA LYS B 67 11.94 11.27 12.45
C LYS B 67 11.68 12.22 13.61
N ASN B 68 10.61 13.01 13.54
CA ASN B 68 10.36 13.95 14.63
C ASN B 68 9.61 13.30 15.78
N ALA B 69 8.80 12.27 15.53
CA ALA B 69 7.98 11.69 16.59
C ALA B 69 8.49 10.36 17.14
N PHE B 70 9.48 9.72 16.51
CA PHE B 70 9.88 8.38 16.95
C PHE B 70 10.20 8.34 18.42
N HIS B 71 11.03 9.27 18.89
CA HIS B 71 11.45 9.23 20.29
C HIS B 71 10.27 9.42 21.24
N GLN B 72 9.13 9.90 20.77
CA GLN B 72 7.96 10.07 21.62
C GLN B 72 7.07 8.83 21.68
N LEU B 73 7.36 7.80 20.90
CA LEU B 73 6.51 6.61 20.86
C LEU B 73 6.74 5.76 22.11
N GLN B 74 5.66 5.49 22.83
CA GLN B 74 5.74 4.73 24.06
C GLN B 74 5.31 3.28 23.91
N SER B 75 4.85 2.86 22.73
CA SER B 75 4.51 1.46 22.52
C SER B 75 5.73 0.57 22.70
N SER B 76 5.50 -0.62 23.22
CA SER B 76 6.57 -1.56 23.52
C SER B 76 7.38 -1.86 22.26
N LYS B 77 8.70 -1.89 22.42
CA LYS B 77 9.62 -2.11 21.31
C LYS B 77 10.78 -3.00 21.75
N LYS B 78 11.40 -3.66 20.78
CA LYS B 78 12.65 -4.36 20.96
C LYS B 78 13.74 -3.61 20.21
N VAL B 79 14.84 -3.30 20.90
CA VAL B 79 15.86 -2.42 20.34
C VAL B 79 17.18 -3.18 20.23
N TYR B 80 17.73 -3.16 19.02
CA TYR B 80 18.98 -3.82 18.73
C TYR B 80 19.96 -2.79 18.22
N LEU B 81 21.23 -3.08 18.42
CA LEU B 81 22.34 -2.34 17.86
C LEU B 81 23.17 -3.35 17.09
N LEU B 82 23.60 -2.96 15.87
CA LEU B 82 24.34 -3.85 14.99
C LEU B 82 25.62 -3.15 14.56
N ARG B 83 26.74 -3.87 14.63
CA ARG B 83 27.99 -3.42 14.03
C ARG B 83 28.13 -4.22 12.74
N ILE B 84 27.83 -3.59 11.62
CA ILE B 84 27.91 -4.20 10.31
C ILE B 84 29.28 -3.88 9.73
N SER B 85 29.95 -4.91 9.20
CA SER B 85 31.36 -4.83 8.85
C SER B 85 31.68 -5.87 7.78
N LYS B 86 32.93 -5.83 7.31
CA LYS B 86 33.47 -6.94 6.54
C LYS B 86 33.69 -8.17 7.44
N ASN B 87 34.21 -7.94 8.64
CA ASN B 87 34.45 -8.98 9.63
C ASN B 87 33.12 -9.41 10.24
N PRO B 88 33.10 -10.32 11.22
CA PRO B 88 31.81 -10.87 11.65
C PRO B 88 30.89 -9.81 12.23
N LEU B 89 29.58 -10.10 12.14
CA LEU B 89 28.53 -9.24 12.65
C LEU B 89 28.41 -9.32 14.17
N MET B 90 28.14 -8.18 14.80
CA MET B 90 27.90 -8.09 16.23
C MET B 90 26.54 -7.44 16.45
N ILE B 91 25.71 -8.11 17.26
CA ILE B 91 24.37 -7.65 17.60
C ILE B 91 24.24 -7.55 19.11
N PHE B 92 23.59 -6.47 19.56
CA PHE B 92 23.24 -6.27 20.96
C PHE B 92 21.77 -5.90 21.08
N VAL B 93 21.19 -6.20 22.24
CA VAL B 93 19.81 -5.85 22.55
C VAL B 93 19.80 -4.90 23.75
N LEU B 94 18.88 -3.93 23.73
CA LEU B 94 18.83 -2.91 24.78
C LEU B 94 18.07 -3.50 25.95
N LYS B 95 18.70 -3.52 27.12
CA LYS B 95 18.05 -4.00 28.33
C LYS B 95 18.48 -3.10 29.48
N ASN B 96 17.50 -2.67 30.29
CA ASN B 96 17.73 -1.73 31.37
C ASN B 96 18.71 -0.64 30.93
N ALA B 97 18.51 -0.12 29.73
CA ALA B 97 19.19 1.07 29.24
C ALA B 97 20.66 0.85 28.90
N GLN B 98 21.14 -0.38 28.80
CA GLN B 98 22.48 -0.63 28.29
C GLN B 98 22.45 -1.80 27.31
N TRP B 99 23.48 -1.90 26.49
CA TRP B 99 23.57 -2.89 25.41
C TRP B 99 24.06 -4.24 25.96
N MET B 100 23.18 -5.26 25.90
CA MET B 100 23.42 -6.62 26.39
C MET B 100 23.61 -7.63 25.26
N PRO B 101 23.77 -8.95 25.57
CA PRO B 101 23.69 -9.97 24.51
C PRO B 101 22.33 -10.65 24.47
N LEU B 102 22.00 -11.29 23.35
CA LEU B 102 20.64 -11.77 23.12
C LEU B 102 20.44 -13.15 23.74
N SER B 103 19.17 -13.51 23.91
CA SER B 103 18.82 -14.79 24.49
C SER B 103 17.75 -15.52 23.68
N PRO B 107 19.20 -13.23 14.33
CA PRO B 107 17.93 -13.59 14.98
C PRO B 107 16.84 -12.53 14.80
N LEU B 108 17.23 -11.28 14.57
CA LEU B 108 16.28 -10.31 14.07
C LEU B 108 15.82 -10.75 12.67
N PRO B 109 14.67 -10.26 12.21
CA PRO B 109 14.10 -10.78 10.95
C PRO B 109 15.05 -10.79 9.75
N PHE B 110 15.89 -9.77 9.57
CA PHE B 110 16.78 -9.77 8.42
C PHE B 110 17.93 -10.76 8.62
N PHE B 111 18.67 -10.62 9.72
CA PHE B 111 19.72 -11.60 10.03
C PHE B 111 20.81 -11.57 8.97
N VAL B 112 22.05 -11.89 9.35
CA VAL B 112 23.17 -11.88 8.41
C VAL B 112 22.79 -12.66 7.15
N LYS B 113 21.67 -13.40 7.23
CA LYS B 113 20.91 -13.84 6.07
C LYS B 113 20.80 -12.73 5.04
N ILE B 114 19.75 -11.90 5.14
CA ILE B 114 19.47 -10.97 4.05
C ILE B 114 20.66 -10.05 3.80
N LEU B 115 21.42 -9.73 4.85
CA LEU B 115 22.43 -8.67 4.72
C LEU B 115 23.37 -8.91 3.56
N ARG B 116 23.88 -10.14 3.41
CA ARG B 116 24.88 -10.43 2.39
C ARG B 116 24.30 -11.18 1.19
N LEU B 117 22.98 -11.32 1.14
CA LEU B 117 22.33 -11.83 -0.06
C LEU B 117 22.80 -11.04 -1.30
N PRO B 118 23.38 -11.69 -2.31
CA PRO B 118 23.86 -10.95 -3.48
C PRO B 118 22.70 -10.55 -4.36
N LEU B 119 22.69 -9.28 -4.79
CA LEU B 119 21.68 -8.71 -5.65
C LEU B 119 22.24 -8.42 -7.04
N SER B 120 21.42 -8.60 -8.05
CA SER B 120 21.76 -8.21 -9.41
C SER B 120 20.57 -7.48 -10.01
N PRO B 121 20.79 -6.66 -11.03
CA PRO B 121 19.69 -5.86 -11.59
C PRO B 121 18.65 -6.72 -12.25
N ALA B 122 17.41 -6.27 -12.16
CA ALA B 122 16.25 -6.98 -12.69
C ALA B 122 15.23 -5.94 -13.13
N PRO B 123 14.33 -6.31 -14.03
CA PRO B 123 13.21 -5.42 -14.35
C PRO B 123 12.21 -5.34 -13.21
N SER B 124 11.46 -4.23 -13.20
CA SER B 124 10.42 -4.03 -12.21
C SER B 124 9.28 -5.03 -12.37
N HIS B 125 8.80 -5.55 -11.25
CA HIS B 125 7.58 -6.36 -11.23
C HIS B 125 6.49 -5.75 -10.33
N LEU B 126 6.52 -4.43 -10.13
CA LEU B 126 5.52 -3.76 -9.29
C LEU B 126 4.11 -3.92 -9.83
N ILE B 127 3.95 -3.95 -11.14
CA ILE B 127 2.65 -4.17 -11.79
C ILE B 127 2.78 -5.34 -12.76
N LYS B 128 1.79 -6.23 -12.74
CA LYS B 128 1.68 -7.34 -13.67
C LYS B 128 0.62 -7.01 -14.73
N TYR B 129 1.06 -6.89 -15.98
CA TYR B 129 0.19 -6.57 -17.10
C TYR B 129 -0.17 -7.86 -17.85
N LYS B 130 -1.48 -8.10 -18.03
CA LYS B 130 -1.95 -9.32 -18.71
C LYS B 130 -3.06 -8.94 -19.71
N THR B 141 15.95 16.02 7.07
CA THR B 141 15.22 15.73 5.83
C THR B 141 14.42 14.44 5.96
N SER B 142 13.17 14.47 5.49
CA SER B 142 12.30 13.30 5.60
C SER B 142 11.40 13.21 4.37
N LEU B 143 11.16 11.97 3.93
CA LEU B 143 10.24 11.62 2.86
C LEU B 143 9.31 10.55 3.41
N ASN B 144 8.03 10.89 3.55
CA ASN B 144 7.05 9.97 4.11
C ASN B 144 5.90 9.77 3.13
N GLY B 145 5.52 8.52 2.94
CA GLY B 145 4.32 8.19 2.18
C GLY B 145 4.57 7.07 1.18
N GLU B 146 4.17 7.25 -0.08
CA GLU B 146 4.24 6.15 -1.06
C GLU B 146 5.59 6.23 -1.77
N LEU B 147 6.64 5.81 -1.03
CA LEU B 147 8.01 5.96 -1.51
C LEU B 147 8.29 5.13 -2.77
N ILE B 148 7.51 4.09 -3.06
CA ILE B 148 7.77 3.33 -4.29
C ILE B 148 7.36 4.13 -5.51
N THR B 149 6.75 5.32 -5.35
CA THR B 149 6.58 6.18 -6.52
C THR B 149 7.84 6.94 -6.88
N LEU B 150 8.87 6.95 -6.02
CA LEU B 150 10.12 7.60 -6.35
C LEU B 150 10.85 6.84 -7.46
N PRO B 151 11.62 7.55 -8.31
CA PRO B 151 12.44 6.86 -9.33
C PRO B 151 13.30 5.76 -8.72
N SER B 152 13.16 4.55 -9.23
CA SER B 152 13.85 3.40 -8.63
C SER B 152 14.34 2.44 -9.70
N SER B 153 15.16 1.48 -9.23
CA SER B 153 15.59 0.33 -10.02
C SER B 153 15.49 -0.91 -9.15
N ALA B 154 15.18 -2.04 -9.79
CA ALA B 154 14.89 -3.29 -9.10
C ALA B 154 16.10 -4.21 -9.13
N TRP B 155 16.26 -4.96 -8.04
CA TRP B 155 17.38 -5.87 -7.83
C TRP B 155 16.82 -7.20 -7.35
N ILE B 156 17.35 -8.30 -7.89
CA ILE B 156 16.82 -9.60 -7.54
C ILE B 156 17.88 -10.43 -6.82
N SER B 157 17.39 -11.26 -5.90
CA SER B 157 18.22 -12.24 -5.24
C SER B 157 17.36 -13.46 -4.94
N VAL B 158 17.97 -14.43 -4.26
CA VAL B 158 17.29 -15.64 -3.85
C VAL B 158 17.66 -15.93 -2.41
N TRP B 159 16.68 -16.34 -1.62
CA TRP B 159 16.97 -16.75 -0.27
C TRP B 159 17.82 -18.02 -0.30
N PRO B 160 18.83 -18.14 0.60
CA PRO B 160 19.67 -19.34 0.61
C PRO B 160 18.87 -20.63 0.80
N ASP B 162 17.69 -22.87 2.63
CA ASP B 162 17.60 -23.39 3.98
C ASP B 162 16.34 -24.26 4.11
N SER B 163 15.68 -24.20 5.28
CA SER B 163 14.41 -24.87 5.49
C SER B 163 13.26 -23.91 5.75
N SER B 164 13.53 -22.67 6.12
CA SER B 164 12.51 -21.67 6.42
C SER B 164 11.49 -21.61 5.30
N PRO B 165 10.33 -20.97 5.52
CA PRO B 165 9.34 -20.83 4.44
C PRO B 165 9.85 -20.04 3.24
N LEU B 166 11.05 -19.48 3.34
CA LEU B 166 11.64 -18.67 2.29
C LEU B 166 12.65 -19.41 1.45
N SER B 167 12.87 -20.69 1.71
CA SER B 167 13.94 -21.41 1.03
C SER B 167 13.83 -21.25 -0.49
N GLU B 168 14.90 -20.72 -1.08
CA GLU B 168 15.01 -20.52 -2.52
C GLU B 168 13.87 -19.70 -3.12
N LYS B 169 13.19 -18.90 -2.30
CA LYS B 169 12.19 -17.98 -2.81
C LYS B 169 12.87 -16.77 -3.43
N ASN B 170 12.27 -16.23 -4.48
CA ASN B 170 12.85 -15.09 -5.15
C ASN B 170 12.46 -13.82 -4.41
N ILE B 171 13.42 -12.89 -4.28
CA ILE B 171 13.19 -11.65 -3.56
C ILE B 171 13.59 -10.47 -4.45
N LEU B 172 12.71 -9.48 -4.54
CA LEU B 172 12.93 -8.30 -5.35
C LEU B 172 12.99 -7.09 -4.43
N ILE B 173 14.08 -6.33 -4.52
CA ILE B 173 14.36 -5.19 -3.67
C ILE B 173 14.53 -3.97 -4.57
N TYR B 174 13.87 -2.87 -4.21
CA TYR B 174 13.88 -1.66 -5.03
C TYR B 174 14.64 -0.57 -4.29
N PHE B 175 15.55 0.10 -4.98
CA PHE B 175 16.35 1.17 -4.40
C PHE B 175 16.15 2.43 -5.21
N SER B 176 16.14 3.56 -4.52
CA SER B 176 16.11 4.83 -5.22
C SER B 176 17.29 4.90 -6.17
N ASN B 177 17.07 5.51 -7.34
CA ASN B 177 18.16 5.79 -8.26
C ASN B 177 19.12 6.83 -7.70
N ASN B 178 18.74 7.52 -6.62
CA ASN B 178 19.63 8.45 -5.94
C ASN B 178 20.33 7.67 -4.84
N GLU B 179 21.62 7.44 -5.00
CA GLU B 179 22.34 6.61 -4.04
C GLU B 179 22.52 7.26 -2.67
N ARG B 180 22.26 8.56 -2.51
CA ARG B 180 22.25 9.13 -1.16
C ARG B 180 21.17 8.48 -0.30
N LEU B 181 20.18 7.89 -0.92
CA LEU B 181 19.14 7.15 -0.21
C LEU B 181 19.53 5.67 -0.25
N ALA B 182 20.09 5.17 0.86
CA ALA B 182 20.73 3.86 0.90
C ALA B 182 19.80 2.76 1.40
N PHE B 183 18.65 3.11 1.96
CA PHE B 183 17.76 2.05 2.37
C PHE B 183 16.81 1.65 1.23
N PRO B 184 16.37 0.39 1.19
CA PRO B 184 15.40 -0.01 0.19
C PRO B 184 14.08 0.74 0.32
N LEU B 185 13.47 0.99 -0.84
CA LEU B 185 12.12 1.55 -0.94
C LEU B 185 11.04 0.52 -0.69
N TRP B 186 11.30 -0.74 -1.05
CA TRP B 186 10.27 -1.73 -1.26
C TRP B 186 10.93 -3.09 -1.41
N THR B 187 10.46 -4.06 -0.65
CA THR B 187 10.98 -5.42 -0.69
C THR B 187 9.82 -6.37 -0.91
N SER B 188 9.91 -7.20 -1.95
CA SER B 188 8.86 -8.15 -2.32
C SER B 188 9.41 -9.56 -2.40
N ILE B 189 8.74 -10.50 -1.72
CA ILE B 189 8.98 -11.93 -1.88
C ILE B 189 7.79 -12.55 -2.61
N ASP B 190 8.05 -13.10 -3.80
CA ASP B 190 7.05 -13.88 -4.50
C ASP B 190 6.81 -15.19 -3.75
N THR B 191 5.56 -15.45 -3.41
CA THR B 191 5.10 -16.72 -2.84
C THR B 191 3.85 -17.14 -3.59
N PRO B 192 3.54 -18.44 -3.61
CA PRO B 192 2.37 -18.88 -4.40
C PRO B 192 1.04 -18.37 -3.90
N THR B 193 0.90 -18.05 -2.60
CA THR B 193 -0.32 -17.39 -2.13
C THR B 193 -0.38 -15.93 -2.55
N GLY B 194 0.74 -15.36 -2.99
CA GLY B 194 0.81 -13.94 -3.24
C GLY B 194 2.11 -13.33 -2.77
N THR B 195 2.25 -12.04 -3.04
CA THR B 195 3.48 -11.32 -2.75
C THR B 195 3.51 -10.89 -1.28
N VAL B 196 4.62 -11.16 -0.59
CA VAL B 196 4.85 -10.69 0.78
C VAL B 196 5.67 -9.40 0.73
N ILE B 197 5.12 -8.31 1.24
CA ILE B 197 5.68 -6.98 1.04
C ILE B 197 6.22 -6.43 2.34
N ILE B 198 7.44 -5.95 2.32
CA ILE B 198 7.97 -5.08 3.35
C ILE B 198 8.14 -3.72 2.73
N LYS B 199 7.32 -2.78 3.19
CA LYS B 199 7.20 -1.45 2.61
C LYS B 199 8.01 -0.44 3.41
N THR B 200 8.78 0.39 2.72
CA THR B 200 9.45 1.50 3.40
C THR B 200 8.52 2.72 3.40
N ILE B 201 8.07 3.15 4.57
CA ILE B 201 7.08 4.23 4.66
C ILE B 201 7.68 5.60 4.92
N GLU B 202 8.95 5.66 5.33
CA GLU B 202 9.64 6.92 5.55
C GLU B 202 11.15 6.67 5.51
N MET B 203 11.87 7.61 4.93
CA MET B 203 13.33 7.58 5.00
C MET B 203 13.82 9.00 4.97
N GLY B 204 15.06 9.18 5.42
CA GLY B 204 15.64 10.51 5.39
C GLY B 204 16.99 10.59 6.08
N HIS B 205 17.31 11.81 6.49
CA HIS B 205 18.65 12.18 6.93
C HIS B 205 18.60 13.01 8.21
N GLN B 206 19.74 13.05 8.90
CA GLN B 206 19.95 13.89 10.08
C GLN B 206 19.01 13.56 11.22
N ALA B 207 18.60 12.31 11.36
CA ALA B 207 17.90 11.92 12.56
C ALA B 207 18.90 11.76 13.70
N ALA B 208 18.38 11.81 14.92
CA ALA B 208 19.18 11.82 16.14
C ALA B 208 18.62 10.81 17.13
N SER B 209 19.50 10.05 17.76
CA SER B 209 19.10 8.99 18.66
C SER B 209 19.14 9.49 20.10
N SER B 210 18.28 8.91 20.95
CA SER B 210 18.37 9.10 22.39
C SER B 210 18.99 7.90 23.09
N TYR B 211 19.32 6.85 22.33
CA TYR B 211 19.86 5.66 22.92
C TYR B 211 21.31 5.87 23.32
N PRO B 212 21.80 5.11 24.28
CA PRO B 212 23.22 5.20 24.63
C PRO B 212 24.09 4.63 23.53
N ALA B 213 25.24 5.26 23.33
CA ALA B 213 26.24 4.79 22.40
C ALA B 213 27.16 3.75 23.04
N LEU B 214 27.65 2.82 22.21
CA LEU B 214 28.81 1.99 22.51
C LEU B 214 30.00 2.57 21.81
N PRO B 215 31.22 2.18 22.21
CA PRO B 215 32.42 2.65 21.49
C PRO B 215 32.24 2.45 19.99
N ASN B 216 32.84 3.36 19.24
CA ASN B 216 32.66 3.47 17.79
C ASN B 216 33.73 2.70 17.04
N PHE B 217 33.82 1.40 17.33
CA PHE B 217 34.82 0.51 16.71
C PHE B 217 34.36 -0.04 15.38
#